data_5X3H
#
_entry.id   5X3H
#
_cell.length_a   38.414
_cell.length_b   114.763
_cell.length_c   55.536
_cell.angle_alpha   90.00
_cell.angle_beta   91.42
_cell.angle_gamma   90.00
#
_symmetry.space_group_name_H-M   'P 1 21 1'
#
loop_
_entity.id
_entity.type
_entity.pdbx_description
1 polymer 'Uracil-DNA glycosylase'
2 water water
#
_entity_poly.entity_id   1
_entity_poly.type   'polypeptide(L)'
_entity_poly.pdbx_seq_one_letter_code
;MTNNKYTNRPIHQLQELLRLNGVDEEWEPILLPALMTLEDSYLEWMAAGEGYIPPRDRLLAAFSTLRPNEVRYILFGQDP
GPRPESAIGYAFIDGRVREIFSPRGLSREVNRATSLRNFIKMALVARGSLDPRDTSQEAIAALDKTLLVSQMRELRENFE
RSGVLLLNMALLFTSKEESRRHIRAWRAFIEKLLEGFEAYGPTLILFGAHAREVQKLKSARGLPQVALEHPYNHTFIVNE
KAWELFGPMDLLLKRLEHHHHHH
;
_entity_poly.pdbx_strand_id   A,B
#
# COMPACT_ATOMS: atom_id res chain seq x y z
N PRO A 10 -15.14 38.55 -5.76
CA PRO A 10 -15.35 37.25 -5.09
C PRO A 10 -14.54 36.10 -5.69
N ILE A 11 -14.64 35.91 -7.01
CA ILE A 11 -13.72 35.00 -7.70
C ILE A 11 -12.30 35.55 -7.68
N HIS A 12 -12.12 36.83 -7.99
CA HIS A 12 -10.78 37.39 -7.98
C HIS A 12 -10.12 37.15 -6.62
N GLN A 13 -10.87 37.40 -5.55
CA GLN A 13 -10.39 37.09 -4.21
C GLN A 13 -10.04 35.60 -4.06
N LEU A 14 -10.84 34.71 -4.64
CA LEU A 14 -10.56 33.29 -4.50
C LEU A 14 -9.27 32.88 -5.19
N GLN A 15 -9.03 33.40 -6.40
CA GLN A 15 -7.77 33.05 -7.07
C GLN A 15 -6.58 33.70 -6.39
N GLU A 16 -6.79 34.84 -5.74
CA GLU A 16 -5.75 35.36 -4.86
C GLU A 16 -5.50 34.41 -3.68
N LEU A 17 -6.56 33.81 -3.12
CA LEU A 17 -6.44 32.91 -1.97
C LEU A 17 -5.67 31.64 -2.32
N LEU A 18 -6.04 31.01 -3.43
CA LEU A 18 -5.36 29.83 -3.91
C LEU A 18 -3.88 30.11 -4.06
N ARG A 19 -3.55 31.21 -4.68
CA ARG A 19 -2.18 31.68 -4.79
C ARG A 19 -1.44 31.82 -3.54
N LEU A 20 -2.13 32.42 -2.59
CA LEU A 20 -1.50 32.84 -1.35
C LEU A 20 -1.10 31.60 -0.60
N ASN A 21 -1.88 30.56 -0.83
CA ASN A 21 -1.56 29.26 -0.32
C ASN A 21 -0.69 28.43 -1.25
N GLY A 22 -0.32 28.94 -2.42
CA GLY A 22 0.52 28.13 -3.29
C GLY A 22 -0.20 26.99 -3.99
N VAL A 23 -1.50 27.10 -4.18
CA VAL A 23 -2.32 26.05 -4.79
C VAL A 23 -2.31 26.23 -6.29
N ASP A 24 -1.98 25.15 -7.00
CA ASP A 24 -1.81 25.24 -8.45
C ASP A 24 -3.14 25.44 -9.15
N GLU A 25 -3.07 26.09 -10.32
CA GLU A 25 -4.27 26.38 -11.11
C GLU A 25 -5.06 25.12 -11.44
N GLU A 26 -4.40 23.96 -11.53
CA GLU A 26 -5.10 22.71 -11.78
C GLU A 26 -6.27 22.47 -10.83
N TRP A 27 -6.20 23.02 -9.62
CA TRP A 27 -7.25 22.85 -8.63
C TRP A 27 -8.49 23.67 -8.91
N GLU A 28 -8.39 24.72 -9.73
CA GLU A 28 -9.50 25.67 -9.88
C GLU A 28 -10.82 25.02 -10.27
N PRO A 29 -10.88 24.08 -11.23
CA PRO A 29 -12.19 23.47 -11.55
C PRO A 29 -12.86 22.79 -10.38
N ILE A 30 -12.09 22.23 -9.44
CA ILE A 30 -12.68 21.58 -8.27
C ILE A 30 -12.83 22.54 -7.10
N LEU A 31 -11.80 23.35 -6.85
CA LEU A 31 -11.75 24.12 -5.62
C LEU A 31 -12.60 25.38 -5.70
N LEU A 32 -12.56 26.12 -6.81
CA LEU A 32 -13.34 27.34 -6.91
C LEU A 32 -14.84 27.10 -6.76
N PRO A 33 -15.46 26.13 -7.43
CA PRO A 33 -16.89 25.89 -7.16
C PRO A 33 -17.17 25.61 -5.70
N ALA A 34 -16.38 24.73 -5.09
CA ALA A 34 -16.58 24.36 -3.69
C ALA A 34 -16.48 25.57 -2.78
N LEU A 35 -15.43 26.38 -2.94
CA LEU A 35 -15.32 27.57 -2.11
C LEU A 35 -16.43 28.56 -2.43
N MET A 36 -16.98 28.50 -3.65
CA MET A 36 -18.09 29.36 -3.98
C MET A 36 -19.39 28.94 -3.32
N THR A 37 -19.41 27.83 -2.57
CA THR A 37 -20.60 27.49 -1.81
C THR A 37 -20.71 28.25 -0.50
N LEU A 38 -19.67 28.97 -0.09
CA LEU A 38 -19.74 29.70 1.15
C LEU A 38 -20.58 30.97 0.97
N GLU A 39 -21.30 31.34 2.03
CA GLU A 39 -22.06 32.58 2.02
C GLU A 39 -21.04 33.70 1.86
N ASP A 40 -21.47 34.89 1.44
CA ASP A 40 -20.52 35.94 1.07
C ASP A 40 -20.14 36.88 2.22
N SER A 41 -20.96 37.04 3.25
CA SER A 41 -20.44 37.69 4.44
C SER A 41 -19.24 36.91 4.93
N TYR A 42 -19.38 35.58 4.93
CA TYR A 42 -18.32 34.67 5.31
C TYR A 42 -17.07 34.87 4.44
N LEU A 43 -17.25 34.95 3.12
CA LEU A 43 -16.09 35.04 2.23
C LEU A 43 -15.38 36.39 2.34
N GLU A 44 -16.14 37.48 2.52
CA GLU A 44 -15.49 38.76 2.76
C GLU A 44 -14.69 38.71 4.06
N TRP A 45 -15.30 38.19 5.13
CA TRP A 45 -14.62 38.10 6.42
C TRP A 45 -13.35 37.25 6.32
N MET A 46 -13.45 36.09 5.65
CA MET A 46 -12.28 35.24 5.44
C MET A 46 -11.21 35.97 4.64
N ALA A 47 -11.62 36.74 3.63
CA ALA A 47 -10.66 37.50 2.84
C ALA A 47 -9.96 38.54 3.68
N ALA A 48 -10.64 39.09 4.70
CA ALA A 48 -9.96 40.00 5.62
C ALA A 48 -8.90 39.28 6.43
N GLY A 49 -8.97 37.94 6.50
CA GLY A 49 -7.93 37.13 7.10
C GLY A 49 -7.66 37.41 8.55
N GLU A 50 -8.65 37.87 9.30
CA GLU A 50 -8.45 38.20 10.70
C GLU A 50 -9.47 37.47 11.55
N GLY A 51 -9.04 37.07 12.74
CA GLY A 51 -9.92 36.45 13.70
C GLY A 51 -10.11 34.95 13.57
N TYR A 52 -9.15 34.24 12.98
CA TYR A 52 -9.30 32.80 12.82
C TYR A 52 -7.94 32.15 12.62
N ILE A 53 -7.89 30.85 12.87
CA ILE A 53 -6.74 30.03 12.55
C ILE A 53 -7.19 28.91 11.60
N PRO A 54 -6.28 28.39 10.77
CA PRO A 54 -4.88 28.80 10.59
C PRO A 54 -4.83 30.12 9.84
N PRO A 55 -3.67 30.77 9.76
CA PRO A 55 -3.60 32.02 8.99
C PRO A 55 -4.04 31.80 7.56
N ARG A 56 -4.50 32.88 6.95
CA ARG A 56 -5.16 32.78 5.67
C ARG A 56 -4.24 32.19 4.61
N ASP A 57 -2.94 32.48 4.70
CA ASP A 57 -1.99 31.91 3.74
C ASP A 57 -1.77 30.41 3.92
N ARG A 58 -2.45 29.76 4.88
CA ARG A 58 -2.39 28.32 5.01
C ARG A 58 -3.75 27.64 5.04
N LEU A 59 -4.84 28.37 4.86
CA LEU A 59 -6.17 27.75 4.79
C LEU A 59 -6.19 26.54 3.86
N LEU A 60 -5.61 26.67 2.67
CA LEU A 60 -5.64 25.64 1.65
C LEU A 60 -4.35 24.81 1.58
N ALA A 61 -3.63 24.68 2.69
CA ALA A 61 -2.32 24.03 2.64
C ALA A 61 -2.42 22.58 2.17
N ALA A 62 -3.52 21.89 2.48
CA ALA A 62 -3.68 20.52 2.02
C ALA A 62 -3.69 20.42 0.50
N PHE A 63 -3.98 21.50 -0.21
CA PHE A 63 -4.02 21.52 -1.66
C PHE A 63 -2.73 22.06 -2.29
N SER A 64 -1.75 22.46 -1.49
CA SER A 64 -0.61 23.21 -2.02
C SER A 64 0.46 22.33 -2.64
N THR A 65 0.41 21.02 -2.46
CA THR A 65 1.40 20.13 -3.06
C THR A 65 0.78 19.11 -4.00
N LEU A 66 -0.29 18.44 -3.58
CA LEU A 66 -0.94 17.46 -4.44
C LEU A 66 -1.70 18.16 -5.56
N ARG A 67 -1.83 17.47 -6.69
CA ARG A 67 -2.74 17.91 -7.73
C ARG A 67 -3.95 16.97 -7.77
N PRO A 68 -5.12 17.44 -8.25
CA PRO A 68 -6.34 16.63 -8.12
C PRO A 68 -6.20 15.19 -8.56
N ASN A 69 -5.52 14.95 -9.68
CA ASN A 69 -5.38 13.61 -10.24
C ASN A 69 -4.41 12.73 -9.45
N GLU A 70 -3.77 13.24 -8.41
CA GLU A 70 -2.92 12.45 -7.53
C GLU A 70 -3.61 12.03 -6.24
N VAL A 71 -4.78 12.58 -5.95
CA VAL A 71 -5.50 12.24 -4.74
C VAL A 71 -6.01 10.82 -4.83
N ARG A 72 -5.60 9.98 -3.87
CA ARG A 72 -6.08 8.60 -3.76
C ARG A 72 -6.87 8.38 -2.49
N TYR A 73 -6.62 9.15 -1.44
CA TYR A 73 -7.33 9.03 -0.18
C TYR A 73 -7.66 10.43 0.31
N ILE A 74 -8.84 10.56 0.91
CA ILE A 74 -9.22 11.77 1.63
C ILE A 74 -9.38 11.40 3.09
N LEU A 75 -8.52 11.94 3.94
CA LEU A 75 -8.51 11.66 5.37
C LEU A 75 -9.11 12.85 6.08
N PHE A 76 -10.25 12.64 6.74
CA PHE A 76 -11.01 13.75 7.29
C PHE A 76 -10.63 14.05 8.74
N GLY A 77 -10.67 15.34 9.06
CA GLY A 77 -10.65 15.80 10.43
C GLY A 77 -11.81 16.77 10.60
N GLN A 78 -12.02 17.19 11.85
CA GLN A 78 -13.17 18.06 12.11
C GLN A 78 -12.86 19.52 11.77
N ASP A 79 -11.92 20.13 12.48
CA ASP A 79 -11.58 21.53 12.25
C ASP A 79 -10.14 21.75 12.70
N PRO A 80 -9.56 22.91 12.38
CA PRO A 80 -8.14 23.16 12.74
C PRO A 80 -7.84 23.17 14.24
N GLY A 81 -8.84 23.01 15.11
CA GLY A 81 -8.60 22.88 16.53
C GLY A 81 -8.32 24.20 17.24
N PRO A 82 -8.01 24.12 18.54
CA PRO A 82 -8.00 25.36 19.35
C PRO A 82 -6.65 26.06 19.48
N ARG A 83 -5.55 25.35 19.25
CA ARG A 83 -4.24 25.98 19.47
C ARG A 83 -3.76 26.65 18.20
N PRO A 84 -3.35 27.91 18.24
CA PRO A 84 -2.82 28.56 17.02
C PRO A 84 -1.59 27.88 16.47
N GLU A 85 -0.66 27.47 17.34
CA GLU A 85 0.55 26.80 16.88
C GLU A 85 0.25 25.44 16.25
N SER A 86 -0.86 24.81 16.62
CA SER A 86 -1.17 23.49 16.06
C SER A 86 -1.71 23.59 14.63
N ALA A 87 -2.49 24.62 14.32
CA ALA A 87 -3.24 24.68 13.07
C ALA A 87 -2.37 25.22 11.94
N ILE A 88 -2.02 24.36 10.99
CA ILE A 88 -1.20 24.76 9.85
C ILE A 88 -1.85 24.32 8.54
N GLY A 89 -3.16 24.10 8.55
CA GLY A 89 -3.90 23.84 7.33
C GLY A 89 -3.96 22.39 6.87
N TYR A 90 -3.59 21.44 7.71
CA TYR A 90 -3.71 20.02 7.42
C TYR A 90 -4.59 19.38 8.48
N ALA A 91 -5.42 18.42 8.07
CA ALA A 91 -6.46 17.91 8.95
C ALA A 91 -5.89 17.25 10.21
N PHE A 92 -4.90 16.37 10.06
CA PHE A 92 -4.51 15.48 11.15
C PHE A 92 -3.16 15.83 11.77
N ILE A 93 -2.32 16.59 11.07
CA ILE A 93 -0.97 16.88 11.54
C ILE A 93 -0.99 18.07 12.50
N ASP A 94 -0.35 17.89 13.65
CA ASP A 94 -0.24 18.92 14.67
C ASP A 94 0.99 19.77 14.38
N GLY A 95 0.78 21.08 14.21
CA GLY A 95 1.87 21.99 13.91
C GLY A 95 2.89 22.13 15.02
N ARG A 96 2.52 21.79 16.26
CA ARG A 96 3.48 21.92 17.36
C ARG A 96 4.57 20.85 17.34
N VAL A 97 4.33 19.71 16.69
CA VAL A 97 5.34 18.65 16.65
C VAL A 97 6.46 19.01 15.68
N ARG A 98 7.69 18.68 16.08
CA ARG A 98 8.86 18.82 15.21
C ARG A 98 9.56 17.47 15.11
N GLU A 99 10.30 17.08 16.17
CA GLU A 99 10.95 15.78 16.18
C GLU A 99 9.94 14.75 16.62
N ILE A 100 9.87 13.65 15.88
CA ILE A 100 8.98 12.56 16.25
C ILE A 100 9.53 11.85 17.47
N PHE A 101 10.82 11.57 17.48
CA PHE A 101 11.42 10.77 18.51
C PHE A 101 12.26 11.62 19.45
N SER A 102 12.69 10.96 20.52
CA SER A 102 13.58 11.51 21.54
C SER A 102 14.35 10.31 22.08
N PRO A 103 15.40 10.57 22.87
CA PRO A 103 16.22 9.43 23.33
C PRO A 103 15.47 8.43 24.19
N ARG A 104 14.32 8.81 24.75
CA ARG A 104 13.52 7.88 25.54
C ARG A 104 12.33 7.33 24.76
N GLY A 105 12.24 7.60 23.46
CA GLY A 105 11.17 7.07 22.65
C GLY A 105 10.53 8.13 21.77
N LEU A 106 9.24 8.36 21.95
CA LEU A 106 8.56 9.43 21.23
C LEU A 106 8.78 10.75 21.96
N SER A 107 8.83 11.84 21.18
CA SER A 107 9.09 13.14 21.77
C SER A 107 7.92 13.58 22.66
N ARG A 108 8.17 14.63 23.45
CA ARG A 108 7.13 15.15 24.32
C ARG A 108 5.94 15.65 23.52
N GLU A 109 6.20 16.36 22.42
CA GLU A 109 5.11 16.91 21.62
C GLU A 109 4.26 15.80 21.02
N VAL A 110 4.88 14.72 20.54
CA VAL A 110 4.11 13.59 20.03
C VAL A 110 3.30 12.95 21.15
N ASN A 111 3.91 12.78 22.33
CA ASN A 111 3.24 12.08 23.42
C ASN A 111 2.04 12.85 23.95
N ARG A 112 2.08 14.18 23.96
CA ARG A 112 0.89 14.91 24.38
C ARG A 112 -0.21 14.90 23.32
N ALA A 113 0.14 14.81 22.04
CA ALA A 113 -0.85 14.70 20.98
C ALA A 113 -1.27 13.24 20.89
N THR A 114 -2.32 12.90 21.64
CA THR A 114 -2.70 11.51 21.84
C THR A 114 -2.94 10.78 20.53
N SER A 115 -3.79 11.36 19.66
CA SER A 115 -4.11 10.72 18.39
C SER A 115 -2.84 10.42 17.59
N LEU A 116 -1.94 11.41 17.50
CA LEU A 116 -0.74 11.23 16.70
C LEU A 116 0.21 10.22 17.33
N ARG A 117 0.34 10.25 18.66
CA ARG A 117 1.13 9.23 19.37
C ARG A 117 0.66 7.84 18.99
N ASN A 118 -0.66 7.60 19.05
CA ASN A 118 -1.16 6.27 18.77
C ASN A 118 -1.07 5.94 17.29
N PHE A 119 -1.24 6.93 16.41
CA PHE A 119 -1.08 6.67 14.98
C PHE A 119 0.36 6.27 14.65
N ILE A 120 1.34 6.97 15.24
CA ILE A 120 2.74 6.62 14.99
C ILE A 120 3.05 5.24 15.55
N LYS A 121 2.52 4.92 16.73
CA LYS A 121 2.74 3.58 17.26
C LYS A 121 2.11 2.54 16.33
N MET A 122 0.93 2.86 15.80
CA MET A 122 0.25 1.95 14.88
C MET A 122 1.10 1.72 13.63
N ALA A 123 1.71 2.79 13.11
CA ALA A 123 2.57 2.65 11.95
C ALA A 123 3.79 1.80 12.27
N LEU A 124 4.37 1.99 13.47
CA LEU A 124 5.51 1.17 13.87
C LEU A 124 5.13 -0.30 13.98
N VAL A 125 3.92 -0.58 14.47
CA VAL A 125 3.44 -1.95 14.52
C VAL A 125 3.16 -2.47 13.12
N ALA A 126 2.54 -1.63 12.27
CA ALA A 126 2.14 -2.08 10.94
C ALA A 126 3.35 -2.53 10.11
N ARG A 127 4.48 -1.84 10.23
CA ARG A 127 5.66 -2.24 9.47
C ARG A 127 6.46 -3.33 10.17
N GLY A 128 6.05 -3.76 11.36
CA GLY A 128 6.74 -4.81 12.07
C GLY A 128 7.93 -4.37 12.90
N SER A 129 8.11 -3.06 13.13
CA SER A 129 9.20 -2.60 13.96
C SER A 129 8.91 -2.87 15.44
N LEU A 130 7.65 -2.76 15.84
CA LEU A 130 7.22 -2.99 17.21
C LEU A 130 6.31 -4.19 17.23
N ASP A 131 6.42 -4.98 18.28
CA ASP A 131 5.46 -6.06 18.45
C ASP A 131 4.17 -5.50 19.02
N PRO A 132 3.00 -5.97 18.57
CA PRO A 132 1.74 -5.38 19.01
C PRO A 132 1.51 -5.46 20.52
N ARG A 133 2.29 -6.26 21.25
CA ARG A 133 2.16 -6.36 22.69
C ARG A 133 3.14 -5.49 23.47
N ASP A 134 4.10 -4.83 22.81
CA ASP A 134 4.99 -3.88 23.47
C ASP A 134 5.17 -2.66 22.58
N THR A 135 4.39 -1.62 22.84
CA THR A 135 4.55 -0.33 22.17
C THR A 135 4.82 0.77 23.20
N SER A 136 5.50 0.42 24.28
CA SER A 136 5.94 1.39 25.26
C SER A 136 6.97 2.33 24.67
N GLN A 137 7.27 3.39 25.43
CA GLN A 137 8.33 4.29 25.04
C GLN A 137 9.68 3.62 25.08
N GLU A 138 9.84 2.61 25.93
CA GLU A 138 11.07 1.82 25.98
C GLU A 138 11.30 1.01 24.71
N ALA A 139 10.27 0.32 24.25
CA ALA A 139 10.37 -0.43 23.02
C ALA A 139 10.72 0.48 21.84
N ILE A 140 10.12 1.68 21.82
CA ILE A 140 10.42 2.65 20.77
C ILE A 140 11.85 3.15 20.89
N ALA A 141 12.28 3.49 22.10
CA ALA A 141 13.62 4.02 22.29
C ALA A 141 14.69 3.06 21.78
N ALA A 142 14.46 1.75 21.91
CA ALA A 142 15.44 0.76 21.50
C ALA A 142 15.52 0.56 19.99
N LEU A 143 14.53 1.01 19.23
CA LEU A 143 14.52 0.72 17.81
C LEU A 143 15.57 1.53 17.05
N ASP A 144 16.12 0.92 16.01
CA ASP A 144 17.05 1.60 15.11
C ASP A 144 16.27 2.49 14.16
N LYS A 145 16.52 3.81 14.24
CA LYS A 145 15.73 4.79 13.52
C LYS A 145 16.48 5.43 12.35
N THR A 146 17.57 4.81 11.88
CA THR A 146 18.33 5.40 10.78
C THR A 146 17.45 5.54 9.53
N LEU A 147 16.61 4.56 9.26
CA LEU A 147 15.76 4.53 8.07
C LEU A 147 14.42 5.24 8.23
N LEU A 148 14.09 5.75 9.41
CA LEU A 148 12.77 6.34 9.62
C LEU A 148 12.82 7.87 9.59
N VAL A 149 11.68 8.47 9.32
CA VAL A 149 11.59 9.92 9.34
C VAL A 149 11.87 10.41 10.76
N SER A 150 12.34 11.65 10.86
CA SER A 150 12.62 12.27 12.15
C SER A 150 11.76 13.48 12.44
N GLN A 151 11.00 13.96 11.47
CA GLN A 151 10.23 15.20 11.61
C GLN A 151 8.78 14.98 11.22
N MET A 152 7.90 15.75 11.88
CA MET A 152 6.48 15.78 11.50
C MET A 152 6.32 16.25 10.06
N ARG A 153 7.15 17.21 9.63
CA ARG A 153 7.18 17.63 8.22
C ARG A 153 7.26 16.42 7.30
N GLU A 154 8.09 15.45 7.64
CA GLU A 154 8.36 14.34 6.75
C GLU A 154 7.20 13.35 6.78
N LEU A 155 6.59 13.15 7.95
CA LEU A 155 5.37 12.36 8.03
C LEU A 155 4.28 12.93 7.14
N ARG A 156 4.04 14.24 7.22
CA ARG A 156 3.01 14.85 6.37
C ARG A 156 3.38 14.71 4.89
N GLU A 157 4.66 14.93 4.56
CA GLU A 157 5.06 14.75 3.17
C GLU A 157 4.87 13.31 2.69
N ASN A 158 5.03 12.31 3.57
CA ASN A 158 4.73 10.96 3.09
C ASN A 158 3.22 10.67 3.07
N PHE A 159 2.43 11.42 3.83
CA PHE A 159 0.98 11.38 3.58
C PHE A 159 0.69 11.83 2.16
N GLU A 160 1.33 12.90 1.72
CA GLU A 160 1.09 13.38 0.37
C GLU A 160 1.71 12.50 -0.71
N ARG A 161 2.81 11.79 -0.43
CA ARG A 161 3.33 10.88 -1.44
C ARG A 161 2.44 9.67 -1.64
N SER A 162 1.58 9.37 -0.67
CA SER A 162 0.57 8.34 -0.81
C SER A 162 -0.76 8.88 -1.35
N GLY A 163 -0.81 10.16 -1.74
CA GLY A 163 -2.02 10.69 -2.31
C GLY A 163 -3.11 11.01 -1.33
N VAL A 164 -2.75 11.25 -0.06
CA VAL A 164 -3.71 11.48 1.00
C VAL A 164 -3.98 12.97 1.10
N LEU A 165 -5.21 13.38 0.82
CA LEU A 165 -5.65 14.74 1.06
C LEU A 165 -6.11 14.86 2.51
N LEU A 166 -5.45 15.73 3.27
CA LEU A 166 -5.71 15.90 4.70
C LEU A 166 -6.77 16.97 4.87
N LEU A 167 -8.02 16.56 4.85
CA LEU A 167 -9.15 17.48 4.69
C LEU A 167 -9.88 17.65 6.01
N ASN A 168 -10.06 18.90 6.44
CA ASN A 168 -10.89 19.21 7.59
C ASN A 168 -12.28 19.63 7.11
N MET A 169 -13.31 19.26 7.88
CA MET A 169 -14.69 19.58 7.48
C MET A 169 -14.90 21.09 7.46
N ALA A 170 -14.22 21.80 8.35
CA ALA A 170 -14.16 23.24 8.36
C ALA A 170 -12.70 23.62 8.24
N LEU A 171 -12.39 24.54 7.34
CA LEU A 171 -11.00 24.90 7.08
C LEU A 171 -10.47 25.99 8.01
N LEU A 172 -11.30 26.48 8.94
CA LEU A 172 -10.84 27.51 9.86
C LEU A 172 -11.51 27.31 11.20
N PHE A 173 -10.90 27.94 12.21
CA PHE A 173 -11.36 27.87 13.59
C PHE A 173 -11.30 29.28 14.18
N THR A 174 -12.31 29.64 14.97
CA THR A 174 -12.30 30.91 15.69
C THR A 174 -12.31 30.71 17.20
N SER A 175 -13.28 29.97 17.72
CA SER A 175 -13.35 29.62 19.13
C SER A 175 -14.12 28.32 19.22
N LYS A 176 -14.02 27.66 20.38
CA LYS A 176 -14.70 26.38 20.54
C LYS A 176 -16.18 26.51 20.22
N GLU A 177 -16.86 27.48 20.84
CA GLU A 177 -18.32 27.55 20.75
C GLU A 177 -18.81 27.65 19.31
N GLU A 178 -18.04 28.28 18.43
CA GLU A 178 -18.50 28.48 17.06
C GLU A 178 -18.18 27.32 16.13
N SER A 179 -17.51 26.26 16.60
CA SER A 179 -17.01 25.25 15.66
C SER A 179 -18.17 24.64 14.88
N ARG A 180 -19.24 24.27 15.59
CA ARG A 180 -20.43 23.75 14.93
C ARG A 180 -20.90 24.67 13.81
N ARG A 181 -21.05 25.96 14.12
CA ARG A 181 -21.49 26.92 13.09
C ARG A 181 -20.57 26.84 11.87
N HIS A 182 -19.25 26.89 12.10
CA HIS A 182 -18.31 26.86 10.99
C HIS A 182 -18.49 25.59 10.18
N ILE A 183 -18.70 24.46 10.85
CA ILE A 183 -18.87 23.21 10.13
C ILE A 183 -20.09 23.28 9.22
N ARG A 184 -21.18 23.85 9.73
CA ARG A 184 -22.36 24.02 8.89
C ARG A 184 -22.08 24.97 7.74
N ALA A 185 -21.22 25.97 7.96
CA ALA A 185 -20.87 26.88 6.88
C ALA A 185 -20.03 26.20 5.81
N TRP A 186 -19.24 25.18 6.19
CA TRP A 186 -18.32 24.58 5.24
C TRP A 186 -18.83 23.30 4.62
N ARG A 187 -20.01 22.83 5.02
CA ARG A 187 -20.48 21.54 4.55
C ARG A 187 -20.65 21.53 3.04
N ALA A 188 -21.35 22.54 2.52
CA ALA A 188 -21.55 22.63 1.08
C ALA A 188 -20.23 22.63 0.34
N PHE A 189 -19.19 23.24 0.95
CA PHE A 189 -17.87 23.24 0.33
C PHE A 189 -17.26 21.84 0.30
N ILE A 190 -17.33 21.11 1.43
CA ILE A 190 -16.75 19.78 1.44
C ILE A 190 -17.38 18.94 0.37
N GLU A 191 -18.59 19.29 0.09
CA GLU A 191 -19.54 18.47 -0.60
C GLU A 191 -19.48 18.67 -2.09
N LYS A 192 -19.54 19.93 -2.53
CA LYS A 192 -19.14 20.24 -3.88
C LYS A 192 -17.75 19.67 -4.13
N LEU A 193 -16.87 19.73 -3.11
CA LEU A 193 -15.51 19.24 -3.32
C LEU A 193 -15.55 17.75 -3.66
N LEU A 194 -16.29 16.97 -2.87
CA LEU A 194 -16.38 15.54 -3.17
C LEU A 194 -17.05 15.31 -4.51
N GLU A 195 -18.02 16.16 -4.86
CA GLU A 195 -18.63 16.07 -6.18
C GLU A 195 -17.56 16.10 -7.26
N GLY A 196 -16.59 17.01 -7.12
CA GLY A 196 -15.52 17.12 -8.10
C GLY A 196 -14.63 15.90 -8.22
N PHE A 197 -14.55 15.06 -7.18
CA PHE A 197 -13.65 13.91 -7.21
C PHE A 197 -14.31 12.64 -7.74
N GLU A 198 -15.61 12.71 -8.06
CA GLU A 198 -16.35 11.52 -8.51
C GLU A 198 -15.60 10.75 -9.58
N ALA A 199 -15.08 11.44 -10.59
CA ALA A 199 -14.37 10.75 -11.66
C ALA A 199 -13.13 10.07 -11.12
N TYR A 200 -12.41 10.72 -10.20
CA TYR A 200 -11.17 10.15 -9.67
C TYR A 200 -11.45 9.02 -8.71
N GLY A 201 -12.52 9.11 -7.92
CA GLY A 201 -12.92 8.05 -7.03
C GLY A 201 -11.97 7.75 -5.87
N PRO A 202 -11.47 8.76 -5.16
CA PRO A 202 -10.59 8.48 -4.02
C PRO A 202 -11.34 7.82 -2.88
N THR A 203 -10.59 7.16 -2.02
CA THR A 203 -11.17 6.47 -0.88
C THR A 203 -11.22 7.41 0.31
N LEU A 204 -12.39 7.51 0.94
CA LEU A 204 -12.57 8.37 2.11
C LEU A 204 -12.16 7.59 3.36
N ILE A 205 -11.20 8.13 4.11
CA ILE A 205 -10.73 7.52 5.35
C ILE A 205 -11.47 8.21 6.48
N LEU A 206 -12.34 7.48 7.15
CA LEU A 206 -13.33 8.07 8.06
C LEU A 206 -13.08 7.60 9.49
N PHE A 207 -12.52 8.48 10.31
CA PHE A 207 -12.29 8.18 11.73
C PHE A 207 -13.55 8.47 12.53
N GLY A 208 -13.96 7.50 13.33
CA GLY A 208 -15.07 7.68 14.25
C GLY A 208 -16.36 8.18 13.61
N ALA A 209 -16.93 9.21 14.24
CA ALA A 209 -18.27 9.66 13.88
C ALA A 209 -18.34 10.11 12.44
N HIS A 210 -17.21 10.58 11.88
CA HIS A 210 -17.24 11.11 10.52
C HIS A 210 -17.86 10.13 9.56
N ALA A 211 -17.62 8.82 9.77
CA ALA A 211 -18.18 7.85 8.84
C ALA A 211 -19.67 8.06 8.70
N ARG A 212 -20.36 7.96 9.83
CA ARG A 212 -21.81 8.12 9.83
C ARG A 212 -22.20 9.48 9.30
N GLU A 213 -21.47 10.53 9.70
CA GLU A 213 -21.85 11.88 9.31
C GLU A 213 -21.76 12.05 7.81
N VAL A 214 -20.69 11.54 7.20
CA VAL A 214 -20.50 11.81 5.79
C VAL A 214 -21.53 11.06 4.94
N GLN A 215 -22.23 10.07 5.52
CA GLN A 215 -23.28 9.42 4.73
C GLN A 215 -24.36 10.43 4.34
N LYS A 216 -24.57 11.47 5.16
CA LYS A 216 -25.54 12.51 4.85
C LYS A 216 -25.18 13.26 3.58
N LEU A 217 -23.91 13.20 3.16
CA LEU A 217 -23.56 13.89 1.93
C LEU A 217 -23.93 12.99 0.75
N LYS A 218 -24.66 13.56 -0.21
CA LYS A 218 -25.17 12.78 -1.36
C LYS A 218 -24.07 12.22 -2.21
N SER A 219 -22.95 12.91 -2.15
CA SER A 219 -21.76 12.78 -2.97
C SER A 219 -20.61 11.90 -2.40
N ALA A 220 -20.63 11.70 -1.07
CA ALA A 220 -19.82 10.72 -0.38
C ALA A 220 -20.27 9.33 -0.75
N ARG A 221 -21.54 9.21 -1.14
CA ARG A 221 -22.10 7.90 -1.43
C ARG A 221 -21.36 7.24 -2.58
N GLY A 222 -21.00 8.00 -3.60
CA GLY A 222 -20.29 7.42 -4.73
C GLY A 222 -18.92 6.88 -4.38
N LEU A 223 -18.19 7.61 -3.55
CA LEU A 223 -16.79 7.30 -3.29
C LEU A 223 -16.63 6.07 -2.40
N PRO A 224 -15.55 5.30 -2.60
CA PRO A 224 -15.23 4.21 -1.67
C PRO A 224 -14.86 4.77 -0.30
N GLN A 225 -15.22 4.02 0.74
CA GLN A 225 -14.98 4.46 2.10
C GLN A 225 -14.36 3.36 2.94
N VAL A 226 -13.58 3.79 3.92
CA VAL A 226 -12.99 2.91 4.92
C VAL A 226 -13.25 3.55 6.28
N ALA A 227 -14.04 2.88 7.10
CA ALA A 227 -14.43 3.43 8.39
C ALA A 227 -13.52 2.82 9.45
N LEU A 228 -12.85 3.67 10.19
CA LEU A 228 -11.95 3.19 11.22
C LEU A 228 -12.34 3.83 12.53
N GLU A 229 -11.81 3.29 13.61
CA GLU A 229 -12.13 4.01 14.82
C GLU A 229 -11.02 5.02 14.87
N HIS A 230 -10.94 5.72 15.95
CA HIS A 230 -10.28 7.01 16.02
C HIS A 230 -8.99 6.93 16.82
N PRO A 231 -7.89 7.45 16.27
CA PRO A 231 -6.56 7.09 16.79
C PRO A 231 -6.36 7.50 18.23
N TYR A 232 -7.27 8.31 18.80
CA TYR A 232 -7.15 8.62 20.22
C TYR A 232 -7.28 7.37 21.07
N ASN A 233 -8.02 6.37 20.59
CA ASN A 233 -8.15 5.12 21.32
C ASN A 233 -6.89 4.27 21.17
N HIS A 234 -6.45 3.70 22.29
CA HIS A 234 -5.26 2.86 22.24
C HIS A 234 -5.49 1.63 21.38
N THR A 235 -6.74 1.18 21.32
CA THR A 235 -7.14 0.08 20.43
C THR A 235 -6.66 0.30 19.00
N PHE A 236 -6.61 1.56 18.55
CA PHE A 236 -6.19 1.87 17.18
C PHE A 236 -4.79 1.35 16.89
N ILE A 237 -3.91 1.31 17.90
CA ILE A 237 -2.55 0.82 17.68
C ILE A 237 -2.55 -0.57 17.09
N VAL A 238 -3.44 -1.45 17.56
CA VAL A 238 -3.37 -2.85 17.18
C VAL A 238 -4.52 -3.24 16.25
N ASN A 239 -5.16 -2.28 15.59
CA ASN A 239 -6.30 -2.54 14.73
C ASN A 239 -5.76 -2.93 13.35
N GLU A 240 -6.01 -4.18 12.95
CA GLU A 240 -5.38 -4.71 11.75
C GLU A 240 -6.00 -4.14 10.49
N LYS A 241 -7.19 -3.55 10.57
CA LYS A 241 -7.68 -2.80 9.43
C LYS A 241 -6.87 -1.52 9.23
N ALA A 242 -6.47 -0.88 10.34
CA ALA A 242 -5.57 0.25 10.23
C ALA A 242 -4.23 -0.18 9.66
N TRP A 243 -3.70 -1.34 10.10
CA TRP A 243 -2.47 -1.86 9.52
C TRP A 243 -2.63 -2.06 8.01
N GLU A 244 -3.75 -2.63 7.60
CA GLU A 244 -3.99 -2.91 6.19
C GLU A 244 -4.07 -1.63 5.38
N LEU A 245 -4.70 -0.59 5.93
CA LEU A 245 -4.86 0.65 5.18
C LEU A 245 -3.56 1.44 5.11
N PHE A 246 -2.92 1.66 6.25
CA PHE A 246 -1.80 2.59 6.33
C PHE A 246 -0.45 1.93 6.14
N GLY A 247 -0.33 0.64 6.41
CA GLY A 247 0.90 -0.10 6.24
C GLY A 247 1.55 0.09 4.89
N PRO A 248 0.81 -0.20 3.80
CA PRO A 248 1.39 -0.01 2.45
C PRO A 248 1.88 1.40 2.17
N MET A 249 1.43 2.40 2.93
CA MET A 249 1.91 3.76 2.74
C MET A 249 3.30 3.94 3.32
N ASP A 250 3.68 3.12 4.30
CA ASP A 250 4.98 3.17 4.97
C ASP A 250 5.32 4.61 5.34
N LEU A 251 4.42 5.20 6.14
CA LEU A 251 4.47 6.62 6.44
C LEU A 251 5.69 7.05 7.24
N LEU A 252 6.33 6.14 7.97
CA LEU A 252 7.49 6.50 8.77
C LEU A 252 8.82 6.29 8.05
N LEU A 253 8.81 5.72 6.85
CA LEU A 253 10.05 5.49 6.10
C LEU A 253 10.55 6.80 5.49
N LYS A 254 11.82 7.12 5.76
CA LYS A 254 12.44 8.33 5.23
C LYS A 254 12.79 8.16 3.75
N ARG A 255 12.69 9.26 3.00
CA ARG A 255 12.91 9.22 1.56
C ARG A 255 14.09 10.11 1.17
N ASN B 8 24.28 -37.85 4.65
CA ASN B 8 24.40 -37.34 3.28
C ASN B 8 23.27 -37.85 2.38
N ARG B 9 22.39 -38.68 2.95
CA ARG B 9 21.29 -39.22 2.14
C ARG B 9 20.23 -38.18 1.82
N PRO B 10 19.74 -37.35 2.75
CA PRO B 10 18.74 -36.34 2.39
C PRO B 10 19.28 -35.26 1.46
N ILE B 11 20.59 -34.95 1.50
CA ILE B 11 21.16 -34.04 0.52
C ILE B 11 20.97 -34.58 -0.89
N HIS B 12 21.29 -35.86 -1.09
CA HIS B 12 21.16 -36.47 -2.41
C HIS B 12 19.72 -36.39 -2.91
N GLN B 13 18.77 -36.73 -2.04
CA GLN B 13 17.35 -36.62 -2.40
C GLN B 13 17.00 -35.21 -2.82
N LEU B 14 17.53 -34.21 -2.12
CA LEU B 14 17.25 -32.83 -2.47
C LEU B 14 17.84 -32.46 -3.82
N GLN B 15 19.06 -32.92 -4.13
CA GLN B 15 19.62 -32.61 -5.45
C GLN B 15 18.88 -33.33 -6.55
N GLU B 16 18.30 -34.50 -6.25
CA GLU B 16 17.39 -35.13 -7.20
C GLU B 16 16.16 -34.27 -7.42
N LEU B 17 15.62 -33.69 -6.34
CA LEU B 17 14.45 -32.83 -6.48
C LEU B 17 14.77 -31.60 -7.32
N LEU B 18 15.93 -30.97 -7.07
CA LEU B 18 16.35 -29.84 -7.90
C LEU B 18 16.45 -30.23 -9.36
N ARG B 19 17.17 -31.33 -9.67
CA ARG B 19 17.30 -31.76 -11.06
C ARG B 19 15.94 -32.01 -11.69
N LEU B 20 15.02 -32.62 -10.94
CA LEU B 20 13.74 -32.98 -11.51
C LEU B 20 12.89 -31.76 -11.79
N ASN B 21 13.09 -30.68 -11.03
CA ASN B 21 12.44 -29.40 -11.27
C ASN B 21 13.18 -28.52 -12.26
N GLY B 22 14.29 -28.98 -12.82
CA GLY B 22 15.04 -28.17 -13.75
C GLY B 22 15.83 -27.05 -13.12
N VAL B 23 16.18 -27.18 -11.84
CA VAL B 23 16.86 -26.14 -11.10
C VAL B 23 18.37 -26.30 -11.30
N ASP B 24 19.03 -25.22 -11.72
CA ASP B 24 20.44 -25.30 -12.04
C ASP B 24 21.29 -25.48 -10.79
N GLU B 25 22.41 -26.19 -10.94
CA GLU B 25 23.30 -26.49 -9.83
C GLU B 25 23.77 -25.24 -9.10
N GLU B 26 23.85 -24.09 -9.80
CA GLU B 26 24.22 -22.83 -9.18
C GLU B 26 23.33 -22.48 -7.99
N TRP B 27 22.10 -23.00 -7.93
CA TRP B 27 21.21 -22.73 -6.81
C TRP B 27 21.60 -23.51 -5.56
N GLU B 28 22.39 -24.57 -5.69
CA GLU B 28 22.61 -25.48 -4.56
C GLU B 28 23.15 -24.80 -3.31
N PRO B 29 24.15 -23.91 -3.36
CA PRO B 29 24.64 -23.29 -2.12
C PRO B 29 23.55 -22.56 -1.35
N ILE B 30 22.56 -22.00 -2.02
CA ILE B 30 21.48 -21.28 -1.35
C ILE B 30 20.31 -22.19 -1.02
N LEU B 31 19.90 -23.02 -1.98
CA LEU B 31 18.64 -23.74 -1.89
C LEU B 31 18.76 -24.98 -0.99
N LEU B 32 19.84 -25.75 -1.13
CA LEU B 32 19.98 -26.99 -0.37
C LEU B 32 20.00 -26.74 1.14
N PRO B 33 20.76 -25.78 1.68
CA PRO B 33 20.64 -25.49 3.13
C PRO B 33 19.23 -25.13 3.53
N ALA B 34 18.58 -24.24 2.77
CA ALA B 34 17.24 -23.80 3.13
C ALA B 34 16.28 -24.99 3.20
N LEU B 35 16.31 -25.87 2.18
CA LEU B 35 15.43 -27.03 2.21
C LEU B 35 15.81 -27.99 3.33
N MET B 36 17.07 -28.01 3.74
CA MET B 36 17.41 -28.88 4.86
C MET B 36 16.92 -28.33 6.19
N THR B 37 16.25 -27.18 6.20
CA THR B 37 15.62 -26.72 7.44
C THR B 37 14.28 -27.41 7.69
N LEU B 38 13.75 -28.13 6.72
CA LEU B 38 12.50 -28.84 6.90
C LEU B 38 12.73 -30.09 7.73
N GLU B 39 11.73 -30.46 8.53
CA GLU B 39 11.86 -31.67 9.35
C GLU B 39 12.07 -32.87 8.44
N ASP B 40 12.60 -33.95 9.01
CA ASP B 40 13.08 -35.04 8.16
C ASP B 40 11.92 -35.92 7.72
N SER B 41 10.90 -36.05 8.57
CA SER B 41 9.66 -36.67 8.16
C SER B 41 9.06 -35.89 7.00
N TYR B 42 9.02 -34.55 7.14
CA TYR B 42 8.50 -33.69 6.10
C TYR B 42 9.22 -33.91 4.79
N LEU B 43 10.55 -34.01 4.81
CA LEU B 43 11.29 -34.16 3.56
C LEU B 43 11.03 -35.52 2.94
N GLU B 44 10.88 -36.58 3.74
CA GLU B 44 10.52 -37.87 3.15
C GLU B 44 9.14 -37.83 2.51
N TRP B 45 8.14 -37.33 3.25
CA TRP B 45 6.79 -37.25 2.70
C TRP B 45 6.74 -36.42 1.44
N MET B 46 7.38 -35.25 1.47
CA MET B 46 7.46 -34.40 0.29
C MET B 46 8.16 -35.13 -0.85
N ALA B 47 9.19 -35.91 -0.51
CA ALA B 47 9.95 -36.66 -1.52
C ALA B 47 9.13 -37.75 -2.18
N ALA B 48 8.18 -38.36 -1.46
CA ALA B 48 7.33 -39.35 -2.10
C ALA B 48 6.42 -38.73 -3.14
N GLY B 49 6.21 -37.42 -3.10
CA GLY B 49 5.46 -36.70 -4.11
C GLY B 49 3.99 -37.03 -4.23
N GLU B 50 3.34 -37.42 -3.14
CA GLU B 50 1.92 -37.77 -3.14
C GLU B 50 1.16 -36.94 -2.11
N GLY B 51 -0.07 -36.58 -2.46
CA GLY B 51 -0.96 -35.92 -1.53
C GLY B 51 -0.81 -34.43 -1.40
N TYR B 52 -0.31 -33.74 -2.42
CA TYR B 52 -0.17 -32.30 -2.31
C TYR B 52 -0.03 -31.67 -3.69
N ILE B 53 -0.28 -30.38 -3.74
CA ILE B 53 -0.01 -29.57 -4.93
C ILE B 53 0.96 -28.43 -4.56
N PRO B 54 1.73 -27.94 -5.54
CA PRO B 54 1.79 -28.41 -6.93
C PRO B 54 2.50 -29.75 -7.00
N PRO B 55 2.48 -30.42 -8.15
CA PRO B 55 3.19 -31.70 -8.27
C PRO B 55 4.66 -31.54 -7.94
N ARG B 56 5.27 -32.67 -7.54
CA ARG B 56 6.60 -32.64 -6.95
C ARG B 56 7.64 -32.06 -7.90
N ASP B 57 7.55 -32.38 -9.18
CA ASP B 57 8.51 -31.85 -10.15
C ASP B 57 8.34 -30.36 -10.42
N ARG B 58 7.40 -29.67 -9.75
CA ARG B 58 7.30 -28.23 -9.84
C ARG B 58 7.27 -27.48 -8.52
N LEU B 59 7.47 -28.15 -7.38
CA LEU B 59 7.56 -27.43 -6.11
C LEU B 59 8.43 -26.19 -6.23
N LEU B 60 9.56 -26.34 -6.94
CA LEU B 60 10.57 -25.32 -7.17
C LEU B 60 10.48 -24.63 -8.55
N ALA B 61 9.29 -24.53 -9.17
CA ALA B 61 9.22 -23.98 -10.52
C ALA B 61 9.76 -22.54 -10.58
N ALA B 62 9.61 -21.79 -9.49
CA ALA B 62 10.13 -20.43 -9.44
C ALA B 62 11.64 -20.35 -9.59
N PHE B 63 12.36 -21.44 -9.31
CA PHE B 63 13.82 -21.47 -9.41
C PHE B 63 14.34 -22.06 -10.71
N SER B 64 13.48 -22.50 -11.61
CA SER B 64 13.90 -23.34 -12.73
C SER B 64 14.47 -22.57 -13.92
N THR B 65 14.33 -21.24 -13.97
CA THR B 65 14.91 -20.45 -15.04
C THR B 65 15.92 -19.44 -14.54
N LEU B 66 15.56 -18.65 -13.53
CA LEU B 66 16.53 -17.72 -13.01
C LEU B 66 17.59 -18.47 -12.22
N ARG B 67 18.79 -17.89 -12.17
CA ARG B 67 19.85 -18.39 -11.33
C ARG B 67 20.16 -17.29 -10.33
N PRO B 68 20.73 -17.63 -9.16
CA PRO B 68 20.78 -16.66 -8.05
C PRO B 68 21.27 -15.27 -8.42
N ASN B 69 22.33 -15.16 -9.22
CA ASN B 69 22.92 -13.87 -9.52
C ASN B 69 22.06 -13.04 -10.48
N GLU B 70 20.93 -13.57 -10.94
CA GLU B 70 19.99 -12.82 -11.75
C GLU B 70 18.76 -12.34 -10.96
N VAL B 71 18.60 -12.78 -9.71
CA VAL B 71 17.47 -12.36 -8.89
C VAL B 71 17.61 -10.88 -8.57
N ARG B 72 16.60 -10.09 -8.94
CA ARG B 72 16.57 -8.68 -8.60
C ARG B 72 15.44 -8.32 -7.64
N TYR B 73 14.36 -9.08 -7.66
CA TYR B 73 13.20 -8.87 -6.81
C TYR B 73 12.70 -10.21 -6.32
N ILE B 74 12.22 -10.25 -5.08
CA ILE B 74 11.53 -11.43 -4.58
C ILE B 74 10.10 -10.99 -4.27
N LEU B 75 9.15 -11.56 -4.99
CA LEU B 75 7.74 -11.23 -4.85
C LEU B 75 7.08 -12.37 -4.09
N PHE B 76 6.55 -12.07 -2.92
CA PHE B 76 6.06 -13.13 -2.04
C PHE B 76 4.58 -13.41 -2.26
N GLY B 77 4.24 -14.69 -2.10
CA GLY B 77 2.86 -15.12 -2.00
C GLY B 77 2.70 -16.02 -0.78
N GLN B 78 1.46 -16.39 -0.50
CA GLN B 78 1.22 -17.17 0.72
C GLN B 78 1.51 -18.65 0.49
N ASP B 79 0.71 -19.31 -0.33
CA ASP B 79 0.90 -20.72 -0.62
C ASP B 79 0.28 -21.04 -1.96
N PRO B 80 0.48 -22.23 -2.49
CA PRO B 80 -0.09 -22.57 -3.81
C PRO B 80 -1.61 -22.56 -3.86
N GLY B 81 -2.30 -22.39 -2.75
CA GLY B 81 -3.74 -22.26 -2.78
C GLY B 81 -4.42 -23.60 -2.97
N PRO B 82 -5.75 -23.57 -3.09
CA PRO B 82 -6.54 -24.81 -3.03
C PRO B 82 -6.87 -25.49 -4.36
N ARG B 83 -6.77 -24.78 -5.48
CA ARG B 83 -7.15 -25.38 -6.75
C ARG B 83 -5.94 -26.06 -7.37
N PRO B 84 -6.02 -27.35 -7.71
CA PRO B 84 -4.88 -28.01 -8.36
C PRO B 84 -4.50 -27.40 -9.69
N GLU B 85 -5.48 -27.00 -10.51
CA GLU B 85 -5.17 -26.38 -11.79
C GLU B 85 -4.48 -25.03 -11.62
N SER B 86 -4.67 -24.36 -10.47
CA SER B 86 -4.03 -23.07 -10.24
C SER B 86 -2.57 -23.20 -9.84
N ALA B 87 -2.22 -24.23 -9.07
CA ALA B 87 -0.91 -24.32 -8.42
C ALA B 87 0.10 -24.94 -9.38
N ILE B 88 1.04 -24.12 -9.87
CA ILE B 88 2.05 -24.60 -10.81
C ILE B 88 3.45 -24.19 -10.37
N GLY B 89 3.61 -23.90 -9.08
CA GLY B 89 4.93 -23.62 -8.53
C GLY B 89 5.41 -22.19 -8.63
N TYR B 90 4.52 -21.24 -8.93
CA TYR B 90 4.86 -19.82 -8.93
C TYR B 90 3.93 -19.10 -7.97
N ALA B 91 4.48 -18.12 -7.25
CA ALA B 91 3.75 -17.50 -6.14
C ALA B 91 2.47 -16.81 -6.59
N PHE B 92 2.54 -15.99 -7.63
CA PHE B 92 1.45 -15.09 -7.96
C PHE B 92 0.69 -15.53 -9.20
N ILE B 93 1.25 -16.45 -9.98
CA ILE B 93 0.67 -16.86 -11.25
C ILE B 93 -0.40 -17.93 -11.00
N ASP B 94 -1.57 -17.73 -11.58
CA ASP B 94 -2.66 -18.70 -11.49
C ASP B 94 -2.58 -19.64 -12.68
N GLY B 95 -2.44 -20.95 -12.41
CA GLY B 95 -2.30 -21.94 -13.47
C GLY B 95 -3.51 -22.10 -14.36
N ARG B 96 -4.70 -21.72 -13.89
CA ARG B 96 -5.91 -21.85 -14.70
C ARG B 96 -6.02 -20.80 -15.78
N VAL B 97 -5.38 -19.66 -15.61
CA VAL B 97 -5.42 -18.61 -16.61
C VAL B 97 -4.53 -18.99 -17.78
N ARG B 98 -5.00 -18.73 -18.99
CA ARG B 98 -4.19 -18.91 -20.18
C ARG B 98 -4.10 -17.61 -20.96
N GLU B 99 -5.16 -17.24 -21.66
CA GLU B 99 -5.15 -16.01 -22.44
C GLU B 99 -5.54 -14.83 -21.55
N ILE B 100 -4.77 -13.74 -21.64
CA ILE B 100 -5.03 -12.57 -20.82
C ILE B 100 -6.29 -11.85 -21.30
N PHE B 101 -6.42 -11.67 -22.59
CA PHE B 101 -7.45 -10.83 -23.17
C PHE B 101 -8.56 -11.65 -23.84
N SER B 102 -9.59 -10.92 -24.26
CA SER B 102 -10.70 -11.48 -25.00
C SER B 102 -11.26 -10.35 -25.87
N PRO B 103 -12.17 -10.67 -26.79
CA PRO B 103 -12.72 -9.59 -27.64
C PRO B 103 -13.53 -8.57 -26.86
N ARG B 104 -13.99 -8.89 -25.65
CA ARG B 104 -14.72 -7.95 -24.81
C ARG B 104 -13.85 -7.35 -23.71
N GLY B 105 -12.53 -7.60 -23.73
CA GLY B 105 -11.62 -7.05 -22.74
C GLY B 105 -10.69 -8.09 -22.16
N LEU B 106 -10.73 -8.26 -20.85
CA LEU B 106 -9.96 -9.32 -20.22
C LEU B 106 -10.73 -10.63 -20.31
N SER B 107 -9.98 -11.74 -20.38
CA SER B 107 -10.60 -13.04 -20.52
C SER B 107 -11.40 -13.39 -19.26
N ARG B 108 -12.21 -14.44 -19.37
CA ARG B 108 -13.04 -14.87 -18.24
C ARG B 108 -12.19 -15.29 -17.06
N GLU B 109 -11.11 -16.05 -17.31
CA GLU B 109 -10.27 -16.53 -16.22
C GLU B 109 -9.56 -15.39 -15.51
N VAL B 110 -9.07 -14.40 -16.27
CA VAL B 110 -8.41 -13.26 -15.63
C VAL B 110 -9.41 -12.51 -14.73
N ASN B 111 -10.62 -12.30 -15.23
CA ASN B 111 -11.61 -11.55 -14.45
C ASN B 111 -12.03 -12.32 -13.21
N ARG B 112 -12.03 -13.66 -13.27
CA ARG B 112 -12.35 -14.43 -12.07
C ARG B 112 -11.20 -14.34 -11.05
N ALA B 113 -9.97 -14.18 -11.51
CA ALA B 113 -8.80 -14.00 -10.64
C ALA B 113 -8.66 -12.52 -10.29
N THR B 114 -9.24 -12.12 -9.16
CA THR B 114 -9.32 -10.71 -8.80
C THR B 114 -7.94 -10.04 -8.73
N SER B 115 -7.02 -10.63 -7.95
CA SER B 115 -5.70 -10.04 -7.79
C SER B 115 -5.02 -9.86 -9.14
N LEU B 116 -5.08 -10.88 -10.00
CA LEU B 116 -4.43 -10.79 -11.30
C LEU B 116 -5.14 -9.80 -12.20
N ARG B 117 -6.48 -9.76 -12.14
CA ARG B 117 -7.23 -8.76 -12.89
C ARG B 117 -6.74 -7.35 -12.59
N ASN B 118 -6.60 -7.04 -11.29
CA ASN B 118 -6.19 -5.68 -10.92
C ASN B 118 -4.71 -5.45 -11.22
N PHE B 119 -3.87 -6.48 -11.07
CA PHE B 119 -2.47 -6.30 -11.42
C PHE B 119 -2.31 -5.99 -12.90
N ILE B 120 -3.05 -6.70 -13.75
CA ILE B 120 -2.97 -6.45 -15.19
C ILE B 120 -3.50 -5.06 -15.52
N LYS B 121 -4.61 -4.66 -14.87
CA LYS B 121 -5.12 -3.32 -15.11
C LYS B 121 -4.10 -2.27 -14.67
N MET B 122 -3.43 -2.52 -13.55
CA MET B 122 -2.41 -1.61 -13.03
C MET B 122 -1.26 -1.46 -14.03
N ALA B 123 -0.79 -2.59 -14.58
CA ALA B 123 0.29 -2.51 -15.55
C ALA B 123 -0.15 -1.75 -16.79
N LEU B 124 -1.39 -1.95 -17.23
CA LEU B 124 -1.90 -1.21 -18.39
C LEU B 124 -1.90 0.29 -18.13
N VAL B 125 -2.31 0.68 -16.91
CA VAL B 125 -2.25 2.09 -16.53
C VAL B 125 -0.81 2.54 -16.41
N ALA B 126 0.05 1.69 -15.83
CA ALA B 126 1.44 2.06 -15.58
C ALA B 126 2.18 2.40 -16.87
N ARG B 127 1.90 1.68 -17.95
CA ARG B 127 2.55 1.96 -19.23
C ARG B 127 1.85 3.06 -20.03
N GLY B 128 0.72 3.57 -19.55
CA GLY B 128 0.01 4.62 -20.25
C GLY B 128 -0.95 4.13 -21.32
N SER B 129 -1.24 2.84 -21.37
CA SER B 129 -2.22 2.33 -22.33
C SER B 129 -3.62 2.70 -21.90
N LEU B 130 -3.86 2.71 -20.58
CA LEU B 130 -5.14 3.05 -20.01
C LEU B 130 -5.01 4.32 -19.17
N ASP B 131 -6.01 5.14 -19.21
CA ASP B 131 -6.01 6.25 -18.28
C ASP B 131 -6.55 5.77 -16.94
N PRO B 132 -5.98 6.24 -15.83
CA PRO B 132 -6.37 5.68 -14.52
C PRO B 132 -7.83 5.86 -14.16
N ARG B 133 -8.59 6.69 -14.89
CA ARG B 133 -10.00 6.89 -14.61
C ARG B 133 -10.93 6.01 -15.44
N ASP B 134 -10.41 5.24 -16.40
CA ASP B 134 -11.23 4.26 -17.13
C ASP B 134 -10.41 2.98 -17.28
N THR B 135 -10.64 2.03 -16.39
CA THR B 135 -10.05 0.71 -16.50
C THR B 135 -11.13 -0.37 -16.59
N SER B 136 -12.26 -0.01 -17.19
CA SER B 136 -13.33 -0.95 -17.50
C SER B 136 -12.88 -1.92 -18.60
N GLN B 137 -13.70 -2.95 -18.81
CA GLN B 137 -13.44 -3.91 -19.88
C GLN B 137 -13.59 -3.29 -21.26
N GLU B 138 -14.43 -2.27 -21.41
CA GLU B 138 -14.55 -1.59 -22.70
C GLU B 138 -13.24 -0.92 -23.09
N ALA B 139 -12.65 -0.18 -22.16
CA ALA B 139 -11.36 0.45 -22.42
C ALA B 139 -10.30 -0.58 -22.77
N ILE B 140 -10.35 -1.75 -22.15
CA ILE B 140 -9.39 -2.82 -22.48
C ILE B 140 -9.60 -3.29 -23.90
N ALA B 141 -10.85 -3.62 -24.24
CA ALA B 141 -11.19 -4.11 -25.57
C ALA B 141 -10.78 -3.12 -26.65
N ALA B 142 -10.83 -1.82 -26.36
CA ALA B 142 -10.48 -0.83 -27.37
C ALA B 142 -8.97 -0.76 -27.63
N LEU B 143 -8.15 -1.31 -26.74
CA LEU B 143 -6.70 -1.14 -26.89
C LEU B 143 -6.14 -1.98 -28.02
N ASP B 144 -5.11 -1.43 -28.66
CA ASP B 144 -4.30 -2.13 -29.65
C ASP B 144 -3.34 -3.05 -28.91
N LYS B 145 -3.54 -4.37 -29.04
CA LYS B 145 -2.79 -5.33 -28.24
C LYS B 145 -1.74 -6.08 -29.05
N THR B 146 -1.41 -5.60 -30.24
CA THR B 146 -0.44 -6.29 -31.09
C THR B 146 0.93 -6.36 -30.41
N LEU B 147 1.34 -5.30 -29.71
CA LEU B 147 2.63 -5.34 -29.04
C LEU B 147 2.59 -6.01 -27.67
N LEU B 148 1.43 -6.43 -27.18
CA LEU B 148 1.34 -6.97 -25.84
C LEU B 148 1.31 -8.48 -25.85
N VAL B 149 1.67 -9.06 -24.69
CA VAL B 149 1.59 -10.50 -24.52
C VAL B 149 0.13 -10.93 -24.61
N SER B 150 -0.07 -12.21 -24.93
CA SER B 150 -1.40 -12.78 -24.96
C SER B 150 -1.61 -13.90 -23.97
N GLN B 151 -0.56 -14.36 -23.28
CA GLN B 151 -0.69 -15.54 -22.45
C GLN B 151 -0.19 -15.26 -21.04
N MET B 152 -0.83 -15.92 -20.07
CA MET B 152 -0.34 -15.84 -18.69
C MET B 152 1.12 -16.25 -18.60
N ARG B 153 1.50 -17.28 -19.33
CA ARG B 153 2.89 -17.67 -19.43
C ARG B 153 3.88 -16.56 -19.81
N GLU B 154 3.54 -15.73 -20.77
CA GLU B 154 4.48 -14.71 -21.23
C GLU B 154 4.62 -13.65 -20.16
N LEU B 155 3.51 -13.39 -19.46
CA LEU B 155 3.56 -12.56 -18.28
C LEU B 155 4.55 -13.14 -17.26
N ARG B 156 4.44 -14.44 -16.98
CA ARG B 156 5.35 -15.04 -16.01
C ARG B 156 6.79 -15.01 -16.48
N GLU B 157 7.02 -15.30 -17.76
CA GLU B 157 8.37 -15.26 -18.30
C GLU B 157 8.97 -13.88 -18.22
N ASN B 158 8.15 -12.84 -18.38
CA ASN B 158 8.70 -11.50 -18.20
C ASN B 158 8.85 -11.13 -16.74
N PHE B 159 8.12 -11.79 -15.83
CA PHE B 159 8.48 -11.69 -14.42
C PHE B 159 9.88 -12.22 -14.17
N GLU B 160 10.19 -13.40 -14.69
CA GLU B 160 11.49 -13.99 -14.41
C GLU B 160 12.61 -13.23 -15.10
N ARG B 161 12.35 -12.70 -16.29
CA ARG B 161 13.37 -11.93 -16.98
C ARG B 161 13.53 -10.51 -16.43
N SER B 162 12.58 -10.03 -15.64
CA SER B 162 12.82 -8.83 -14.85
C SER B 162 13.49 -9.17 -13.53
N GLY B 163 13.90 -10.42 -13.37
CA GLY B 163 14.60 -10.88 -12.18
C GLY B 163 13.72 -11.11 -10.99
N VAL B 164 12.44 -11.38 -11.19
CA VAL B 164 11.51 -11.53 -10.08
C VAL B 164 11.40 -13.01 -9.74
N LEU B 165 11.85 -13.37 -8.54
CA LEU B 165 11.61 -14.70 -8.00
C LEU B 165 10.22 -14.72 -7.39
N LEU B 166 9.34 -15.54 -7.94
CA LEU B 166 7.94 -15.61 -7.51
C LEU B 166 7.83 -16.68 -6.42
N LEU B 167 8.06 -16.27 -5.19
CA LEU B 167 8.28 -17.15 -4.06
C LEU B 167 7.05 -17.20 -3.15
N ASN B 168 6.60 -18.41 -2.83
CA ASN B 168 5.53 -18.63 -1.87
C ASN B 168 6.14 -18.92 -0.50
N MET B 169 5.46 -18.46 0.55
CA MET B 169 5.96 -18.70 1.91
C MET B 169 5.98 -20.19 2.23
N ALA B 170 5.03 -20.94 1.66
CA ALA B 170 5.03 -22.38 1.71
C ALA B 170 4.98 -22.87 0.27
N LEU B 171 5.84 -23.83 -0.08
CA LEU B 171 5.94 -24.27 -1.46
C LEU B 171 4.93 -25.34 -1.82
N LEU B 172 4.09 -25.77 -0.88
CA LEU B 172 3.09 -26.78 -1.18
C LEU B 172 1.84 -26.51 -0.35
N PHE B 173 0.76 -27.13 -0.80
CA PHE B 173 -0.55 -27.04 -0.17
C PHE B 173 -1.16 -28.45 -0.15
N THR B 174 -1.83 -28.76 0.95
CA THR B 174 -2.57 -30.00 1.09
C THR B 174 -4.05 -29.76 1.29
N SER B 175 -4.41 -28.93 2.27
CA SER B 175 -5.79 -28.52 2.50
C SER B 175 -5.74 -27.17 3.19
N LYS B 176 -6.89 -26.48 3.18
CA LYS B 176 -6.94 -25.14 3.77
C LYS B 176 -6.58 -25.19 5.25
N GLU B 177 -7.18 -26.13 5.99
CA GLU B 177 -6.96 -26.25 7.43
C GLU B 177 -5.49 -26.36 7.78
N GLU B 178 -4.69 -26.96 6.90
CA GLU B 178 -3.28 -27.21 7.18
C GLU B 178 -2.34 -26.09 6.75
N SER B 179 -2.85 -25.06 6.06
CA SER B 179 -1.93 -24.12 5.43
C SER B 179 -1.08 -23.40 6.47
N ARG B 180 -1.71 -22.92 7.55
CA ARG B 180 -0.95 -22.30 8.63
C ARG B 180 0.20 -23.20 9.07
N ARG B 181 -0.11 -24.47 9.35
CA ARG B 181 0.92 -25.41 9.75
C ARG B 181 2.04 -25.44 8.71
N HIS B 182 1.67 -25.59 7.43
CA HIS B 182 2.68 -25.66 6.39
C HIS B 182 3.54 -24.40 6.38
N ILE B 183 2.91 -23.23 6.57
CA ILE B 183 3.68 -21.99 6.56
C ILE B 183 4.67 -21.98 7.70
N ARG B 184 4.27 -22.49 8.88
CA ARG B 184 5.23 -22.60 9.97
C ARG B 184 6.33 -23.59 9.64
N ALA B 185 6.01 -24.64 8.88
CA ALA B 185 7.03 -25.61 8.50
C ALA B 185 8.05 -25.03 7.52
N TRP B 186 7.64 -24.06 6.70
CA TRP B 186 8.50 -23.51 5.67
C TRP B 186 9.17 -22.20 6.08
N ARG B 187 8.91 -21.72 7.29
CA ARG B 187 9.43 -20.41 7.69
C ARG B 187 10.95 -20.42 7.74
N ALA B 188 11.53 -21.46 8.35
CA ALA B 188 12.98 -21.60 8.39
C ALA B 188 13.58 -21.64 6.99
N PHE B 189 12.85 -22.26 6.04
CA PHE B 189 13.32 -22.28 4.65
C PHE B 189 13.36 -20.88 4.06
N ILE B 190 12.31 -20.09 4.30
CA ILE B 190 12.29 -18.73 3.78
C ILE B 190 13.40 -17.91 4.41
N GLU B 191 13.81 -18.27 5.62
CA GLU B 191 14.66 -17.35 6.35
C GLU B 191 16.11 -17.64 5.99
N LYS B 192 16.46 -18.93 6.02
CA LYS B 192 17.73 -19.36 5.43
C LYS B 192 17.87 -18.90 3.97
N LEU B 193 16.79 -18.97 3.18
CA LEU B 193 16.89 -18.55 1.78
C LEU B 193 17.24 -17.07 1.70
N LEU B 194 16.53 -16.22 2.45
CA LEU B 194 16.86 -14.80 2.46
C LEU B 194 18.28 -14.55 2.99
N GLU B 195 18.71 -15.35 3.97
CA GLU B 195 20.11 -15.31 4.41
C GLU B 195 21.06 -15.49 3.24
N GLY B 196 20.80 -16.50 2.40
CA GLY B 196 21.65 -16.76 1.24
C GLY B 196 21.70 -15.62 0.24
N PHE B 197 20.69 -14.76 0.23
CA PHE B 197 20.63 -13.66 -0.73
C PHE B 197 21.26 -12.37 -0.21
N GLU B 198 21.75 -12.35 1.02
CA GLU B 198 22.34 -11.16 1.60
C GLU B 198 23.34 -10.50 0.65
N ALA B 199 24.24 -11.30 0.08
CA ALA B 199 25.27 -10.76 -0.81
C ALA B 199 24.64 -10.15 -2.06
N TYR B 200 23.63 -10.81 -2.63
CA TYR B 200 23.02 -10.31 -3.86
C TYR B 200 22.13 -9.10 -3.59
N GLY B 201 21.45 -9.06 -2.45
CA GLY B 201 20.65 -7.93 -2.05
C GLY B 201 19.42 -7.62 -2.89
N PRO B 202 18.61 -8.62 -3.26
CA PRO B 202 17.40 -8.33 -4.03
C PRO B 202 16.38 -7.60 -3.18
N THR B 203 15.45 -6.94 -3.87
CA THR B 203 14.42 -6.16 -3.21
C THR B 203 13.18 -7.02 -2.96
N LEU B 204 12.68 -6.99 -1.73
CA LEU B 204 11.52 -7.78 -1.34
C LEU B 204 10.24 -7.01 -1.67
N ILE B 205 9.38 -7.61 -2.47
CA ILE B 205 8.10 -7.01 -2.84
C ILE B 205 7.05 -7.62 -1.93
N LEU B 206 6.50 -6.80 -1.03
CA LEU B 206 5.69 -7.31 0.08
C LEU B 206 4.25 -6.81 -0.05
N PHE B 207 3.35 -7.70 -0.46
CA PHE B 207 1.94 -7.38 -0.57
C PHE B 207 1.23 -7.54 0.77
N GLY B 208 0.43 -6.54 1.14
CA GLY B 208 -0.41 -6.65 2.33
C GLY B 208 0.36 -7.00 3.59
N ALA B 209 -0.11 -8.04 4.28
CA ALA B 209 0.41 -8.38 5.61
C ALA B 209 1.87 -8.84 5.57
N HIS B 210 2.30 -9.41 4.45
CA HIS B 210 3.63 -10.02 4.39
C HIS B 210 4.73 -9.08 4.82
N ALA B 211 4.57 -7.78 4.55
CA ALA B 211 5.59 -6.83 4.97
C ALA B 211 5.87 -6.99 6.46
N ARG B 212 4.83 -6.83 7.27
CA ARG B 212 4.99 -6.99 8.71
C ARG B 212 5.52 -8.38 9.02
N GLU B 213 4.96 -9.40 8.36
CA GLU B 213 5.38 -10.76 8.64
C GLU B 213 6.84 -10.96 8.30
N VAL B 214 7.28 -10.45 7.14
CA VAL B 214 8.66 -10.67 6.75
C VAL B 214 9.60 -9.87 7.64
N GLN B 215 9.10 -8.82 8.30
CA GLN B 215 9.93 -8.09 9.24
C GLN B 215 10.29 -8.92 10.47
N LYS B 216 9.57 -10.01 10.72
CA LYS B 216 9.93 -10.86 11.85
C LYS B 216 11.22 -11.64 11.60
N LEU B 217 11.62 -11.78 10.33
CA LEU B 217 12.79 -12.56 9.95
C LEU B 217 14.06 -11.71 10.03
N LYS B 218 15.11 -12.29 10.61
CA LYS B 218 16.36 -11.54 10.78
C LYS B 218 17.01 -11.26 9.43
N SER B 219 17.03 -12.27 8.54
CA SER B 219 17.70 -12.14 7.26
C SER B 219 16.97 -11.18 6.32
N ALA B 220 15.70 -10.88 6.58
CA ALA B 220 14.98 -9.85 5.84
C ALA B 220 15.46 -8.44 6.14
N ARG B 221 16.07 -8.21 7.32
CA ARG B 221 16.44 -6.86 7.70
C ARG B 221 17.44 -6.24 6.72
N GLY B 222 18.39 -7.04 6.22
CA GLY B 222 19.38 -6.51 5.31
C GLY B 222 18.80 -6.08 3.97
N LEU B 223 17.87 -6.87 3.44
CA LEU B 223 17.41 -6.68 2.07
C LEU B 223 16.52 -5.45 1.95
N PRO B 224 16.58 -4.72 0.83
CA PRO B 224 15.65 -3.61 0.61
C PRO B 224 14.23 -4.13 0.44
N GLN B 225 13.27 -3.37 0.94
CA GLN B 225 11.89 -3.81 0.91
C GLN B 225 10.98 -2.71 0.36
N VAL B 226 9.92 -3.16 -0.30
CA VAL B 226 8.88 -2.28 -0.86
C VAL B 226 7.54 -2.83 -0.42
N ALA B 227 6.82 -2.05 0.38
CA ALA B 227 5.55 -2.49 0.92
C ALA B 227 4.45 -1.98 0.02
N LEU B 228 3.63 -2.90 -0.47
CA LEU B 228 2.52 -2.52 -1.31
C LEU B 228 1.27 -3.14 -0.70
N GLU B 229 0.14 -2.68 -1.19
CA GLU B 229 -1.16 -3.16 -0.79
C GLU B 229 -1.51 -4.34 -1.65
N HIS B 230 -2.47 -5.12 -1.20
CA HIS B 230 -2.68 -6.39 -1.87
C HIS B 230 -3.40 -6.12 -3.20
N PRO B 231 -2.95 -6.70 -4.32
CA PRO B 231 -3.44 -6.22 -5.62
C PRO B 231 -4.93 -6.47 -5.80
N TYR B 232 -5.55 -7.31 -4.97
CA TYR B 232 -7.00 -7.51 -5.06
C TYR B 232 -7.78 -6.25 -4.68
N ASN B 233 -7.17 -5.32 -3.93
CA ASN B 233 -7.83 -4.03 -3.68
C ASN B 233 -7.82 -3.22 -4.97
N HIS B 234 -8.96 -2.57 -5.28
CA HIS B 234 -9.05 -1.82 -6.53
C HIS B 234 -8.10 -0.62 -6.54
N THR B 235 -7.80 -0.03 -5.38
CA THR B 235 -6.79 1.02 -5.28
C THR B 235 -5.45 0.60 -5.88
N PHE B 236 -5.13 -0.70 -5.92
CA PHE B 236 -3.87 -1.13 -6.49
C PHE B 236 -3.71 -0.69 -7.95
N ILE B 237 -4.83 -0.66 -8.69
CA ILE B 237 -4.79 -0.26 -10.10
C ILE B 237 -4.15 1.13 -10.26
N VAL B 238 -4.51 2.06 -9.37
CA VAL B 238 -4.08 3.44 -9.50
C VAL B 238 -3.05 3.79 -8.42
N ASN B 239 -2.40 2.79 -7.82
CA ASN B 239 -1.44 3.02 -6.75
C ASN B 239 -0.12 3.37 -7.42
N GLU B 240 0.33 4.61 -7.25
CA GLU B 240 1.46 5.09 -8.04
C GLU B 240 2.78 4.49 -7.58
N LYS B 241 2.84 3.99 -6.34
CA LYS B 241 4.00 3.22 -5.91
C LYS B 241 4.11 1.91 -6.68
N ALA B 242 2.97 1.30 -6.95
CA ALA B 242 2.94 0.12 -7.81
C ALA B 242 3.36 0.47 -9.22
N TRP B 243 2.89 1.61 -9.75
CA TRP B 243 3.32 2.02 -11.09
C TRP B 243 4.83 2.17 -11.14
N GLU B 244 5.40 2.81 -10.13
CA GLU B 244 6.84 3.05 -10.12
C GLU B 244 7.61 1.75 -10.02
N LEU B 245 7.09 0.77 -9.26
CA LEU B 245 7.81 -0.48 -9.10
C LEU B 245 7.70 -1.39 -10.34
N PHE B 246 6.49 -1.60 -10.84
CA PHE B 246 6.28 -2.60 -11.89
C PHE B 246 6.38 -2.04 -13.29
N GLY B 247 6.11 -0.74 -13.46
CA GLY B 247 6.16 -0.09 -14.74
C GLY B 247 7.44 -0.34 -15.52
N PRO B 248 8.59 -0.07 -14.91
CA PRO B 248 9.86 -0.29 -15.61
C PRO B 248 10.06 -1.73 -16.07
N MET B 249 9.32 -2.68 -15.52
CA MET B 249 9.39 -4.06 -15.97
C MET B 249 8.63 -4.29 -17.26
N ASP B 250 7.60 -3.48 -17.52
CA ASP B 250 6.76 -3.57 -18.71
C ASP B 250 6.34 -5.02 -18.95
N LEU B 251 5.72 -5.60 -17.91
CA LEU B 251 5.42 -7.02 -17.86
C LEU B 251 4.44 -7.48 -18.93
N LEU B 252 3.65 -6.58 -19.52
CA LEU B 252 2.69 -6.96 -20.54
C LEU B 252 3.23 -6.86 -21.96
N LEU B 253 4.45 -6.34 -22.15
CA LEU B 253 5.03 -6.19 -23.48
C LEU B 253 5.55 -7.53 -24.02
N LYS B 254 5.14 -7.88 -25.24
CA LYS B 254 5.63 -9.10 -25.86
C LYS B 254 7.04 -8.95 -26.40
N ARG B 255 7.85 -9.99 -26.20
CA ARG B 255 9.23 -10.05 -26.67
C ARG B 255 9.44 -11.36 -27.41
N LEU B 256 10.41 -11.37 -28.32
CA LEU B 256 10.92 -12.64 -28.85
C LEU B 256 12.20 -12.99 -28.10
#